data_7LFB
#
_entry.id   7LFB
#
_cell.length_a   94.238
_cell.length_b   60.262
_cell.length_c   124.216
_cell.angle_alpha   90.000
_cell.angle_beta   111.820
_cell.angle_gamma   90.000
#
_symmetry.space_group_name_H-M   'C 1 2 1'
#
loop_
_entity.id
_entity.type
_entity.pdbx_description
1 polymer 'Fab 7D6 heavy chain'
2 polymer 'Fab 7D6 light chain'
3 polymer 'Apolipoprotein L1'
4 non-polymer GLYCEROL
5 non-polymer '2-(N-MORPHOLINO)-ETHANESULFONIC ACID'
6 non-polymer 'SULFATE ION'
7 water water
#
loop_
_entity_poly.entity_id
_entity_poly.type
_entity_poly.pdbx_seq_one_letter_code
_entity_poly.pdbx_strand_id
1 'polypeptide(L)'
;QIQLVQSGPDLKKPGETVKISCRTSGYAFTNYGVNWVKQAPGKGLKWMGWINTNTGQTTYAEEFRGRFAISLETSASTAF
LTISNLKNEDSATYFCARLIYDGDYISSDFWGQGTTLTVSSASTKGPSVFPLAPSSKSTSGGTAALGCLVKDYFPEPVTV
SWNSGALTSGVHTFPAVLQSSGLYSLSSVVTVPSSSLGTQTYICNVNHKPSNTKVDKKVEPKSCD
;
H
2 'polypeptide(L)'
;DIQMTQSPDSLSASVGETVTITCGASENIYGALNWYQRKQGKSPQLLIYGATNLADGMSSRFSGSRSGRQYSLKISSLHP
DDVATYYCQNALSMPYTFGGGTNLETKRTVAAPSVFIFPPSDEQLKSGTASVVCLLNNFYPREAKVQWKVDNALQSGNSQ
ESVTEQDSKDSTYSLSSTLTLSKADYEKHKVYACEVTHQGLSSPVTKSFNRGEC
;
L
3 'polypeptide(L)'
;MDYKDDDDKGENLYFQGSDPESSIFIEDAIKYFKEKVSTQNLLLLLTDNEAWNGFVAAAELPRNEADELRKALDNLARQM
IMKDKNWHDKGQQYRNWFLKEFPRLKSELEDNIRRLRALADGVQKVHKGT
;
X
#
# COMPACT_ATOMS: atom_id res chain seq x y z
N GLN A 1 -23.23 0.31 3.62
CA GLN A 1 -21.80 0.05 3.46
C GLN A 1 -20.99 0.75 4.55
N ILE A 2 -19.95 0.07 5.04
CA ILE A 2 -19.03 0.69 5.99
C ILE A 2 -17.97 1.51 5.24
N GLN A 3 -17.79 2.74 5.68
CA GLN A 3 -16.83 3.64 5.03
C GLN A 3 -16.08 4.49 6.04
N LEU A 4 -14.78 4.66 5.80
CA LEU A 4 -14.01 5.70 6.47
C LEU A 4 -13.43 6.63 5.41
N VAL A 5 -13.81 7.90 5.48
CA VAL A 5 -13.35 8.88 4.51
C VAL A 5 -12.49 9.92 5.20
N GLN A 6 -11.22 9.99 4.80
CA GLN A 6 -10.27 10.90 5.42
C GLN A 6 -10.19 12.23 4.67
N SER A 7 -9.72 13.27 5.34
CA SER A 7 -9.51 14.56 4.69
C SER A 7 -8.38 14.45 3.66
N GLY A 8 -8.29 15.44 2.77
CA GLY A 8 -7.39 15.35 1.64
C GLY A 8 -5.93 15.61 1.97
N PRO A 9 -5.06 15.47 0.98
CA PRO A 9 -3.61 15.68 1.17
C PRO A 9 -3.35 17.11 1.60
N ASP A 10 -2.26 17.32 2.33
CA ASP A 10 -1.96 18.64 2.86
C ASP A 10 -0.48 18.93 2.78
N LEU A 11 -0.15 20.19 2.50
CA LEU A 11 1.21 20.67 2.60
C LEU A 11 1.33 21.60 3.81
N LYS A 12 2.28 21.32 4.70
CA LYS A 12 2.46 22.13 5.89
C LYS A 12 3.92 22.51 6.05
N LYS A 13 4.16 23.63 6.72
CA LYS A 13 5.51 24.04 7.04
C LYS A 13 5.93 23.42 8.37
N PRO A 14 7.22 23.13 8.54
CA PRO A 14 7.74 22.66 9.83
C PRO A 14 7.27 23.58 10.96
N GLY A 15 6.90 22.98 12.09
CA GLY A 15 6.47 23.73 13.25
C GLY A 15 4.97 23.92 13.30
N GLU A 16 4.33 23.88 12.14
CA GLU A 16 2.87 24.07 12.07
C GLU A 16 2.13 22.87 12.62
N THR A 17 0.80 22.96 12.63
CA THR A 17 -0.05 21.89 13.11
C THR A 17 -1.01 21.42 12.02
N VAL A 18 -1.28 20.12 11.97
CA VAL A 18 -2.26 19.61 11.02
C VAL A 18 -3.27 18.72 11.73
N LYS A 19 -4.52 18.81 11.30
CA LYS A 19 -5.55 17.93 11.81
C LYS A 19 -6.09 17.09 10.67
N ILE A 20 -5.99 15.78 10.81
CA ILE A 20 -6.47 14.88 9.78
C ILE A 20 -7.78 14.25 10.23
N SER A 21 -8.80 14.37 9.40
CA SER A 21 -10.11 13.88 9.78
C SER A 21 -10.35 12.48 9.23
N CYS A 22 -11.16 11.71 9.95
CA CYS A 22 -11.54 10.37 9.55
C CYS A 22 -13.04 10.22 9.77
N ARG A 23 -13.83 10.49 8.73
CA ARG A 23 -15.28 10.49 8.86
C ARG A 23 -15.87 9.11 8.56
N THR A 24 -16.43 8.46 9.57
CA THR A 24 -16.97 7.13 9.42
C THR A 24 -18.48 7.13 9.17
N SER A 25 -18.96 6.06 8.57
CA SER A 25 -20.39 5.89 8.29
C SER A 25 -20.71 4.42 8.06
N GLY A 26 -21.94 4.02 8.38
CA GLY A 26 -22.41 2.68 8.04
C GLY A 26 -22.34 1.68 9.17
N TYR A 27 -22.07 2.15 10.39
CA TYR A 27 -22.01 1.30 11.56
C TYR A 27 -22.09 2.14 12.81
N ALA A 28 -22.34 1.51 13.96
CA ALA A 28 -22.37 2.20 15.24
C ALA A 28 -20.97 2.68 15.63
N PHE A 29 -20.71 3.97 15.39
CA PHE A 29 -19.39 4.56 15.60
C PHE A 29 -18.78 4.30 16.98
N THR A 30 -19.61 4.32 18.02
CA THR A 30 -19.10 4.20 19.38
C THR A 30 -18.99 2.76 19.86
N ASN A 31 -19.14 1.79 18.97
CA ASN A 31 -18.99 0.38 19.33
C ASN A 31 -17.63 -0.18 18.91
N TYR A 32 -16.91 0.57 18.08
CA TYR A 32 -15.61 0.12 17.60
C TYR A 32 -14.57 1.20 17.83
N GLY A 33 -13.32 0.77 17.98
CA GLY A 33 -12.23 1.70 18.18
C GLY A 33 -11.78 2.30 16.86
N VAL A 34 -10.87 3.26 16.94
CA VAL A 34 -10.20 3.77 15.76
C VAL A 34 -8.71 3.80 16.04
N ASN A 35 -7.90 3.24 15.16
CA ASN A 35 -6.47 3.43 15.30
C ASN A 35 -5.85 3.95 14.01
N TRP A 36 -4.66 4.51 14.17
CA TRP A 36 -3.99 5.21 13.09
C TRP A 36 -2.66 4.54 12.80
N VAL A 37 -2.30 4.55 11.52
CA VAL A 37 -1.11 3.88 11.02
C VAL A 37 -0.34 4.83 10.10
N LYS A 38 0.97 4.88 10.28
CA LYS A 38 1.84 5.73 9.47
C LYS A 38 2.52 4.91 8.41
N GLN A 39 2.32 5.30 7.17
CA GLN A 39 2.97 4.64 6.06
C GLN A 39 4.16 5.48 5.63
N ALA A 40 5.36 4.97 5.90
CA ALA A 40 6.60 5.59 5.47
C ALA A 40 6.90 5.21 4.03
N PRO A 41 7.81 5.97 3.39
CA PRO A 41 8.25 5.65 2.02
C PRO A 41 8.77 4.22 1.90
N GLY A 42 8.25 3.46 0.95
CA GLY A 42 8.64 2.06 0.81
C GLY A 42 7.60 1.12 1.41
N LYS A 43 8.08 0.15 2.19
CA LYS A 43 7.20 -0.90 2.72
C LYS A 43 6.63 -0.59 4.10
N GLY A 44 7.31 0.25 4.87
CA GLY A 44 7.01 0.40 6.29
C GLY A 44 5.58 0.78 6.66
N LEU A 45 4.98 0.01 7.57
CA LEU A 45 3.78 0.43 8.29
C LEU A 45 4.09 0.53 9.78
N LYS A 46 3.78 1.67 10.36
CA LYS A 46 3.98 1.87 11.80
C LYS A 46 2.66 2.16 12.50
N TRP A 47 2.26 1.27 13.40
CA TRP A 47 1.08 1.48 14.22
C TRP A 47 1.32 2.70 15.11
N MET A 48 0.40 3.66 15.09
CA MET A 48 0.62 4.90 15.84
C MET A 48 -0.09 4.94 17.19
N GLY A 49 -1.37 4.61 17.20
CA GLY A 49 -2.14 4.70 18.42
C GLY A 49 -3.60 4.41 18.19
N TRP A 50 -4.36 4.48 19.27
CA TRP A 50 -5.74 4.02 19.29
C TRP A 50 -6.57 4.92 20.18
N ILE A 51 -7.86 5.07 19.85
CA ILE A 51 -8.78 5.77 20.73
C ILE A 51 -10.05 4.94 20.93
N ASN A 52 -10.52 4.90 22.17
CA ASN A 52 -11.78 4.28 22.52
C ASN A 52 -12.91 5.24 22.22
N THR A 53 -13.75 4.89 21.25
CA THR A 53 -14.81 5.80 20.79
C THR A 53 -15.95 5.92 21.82
N ASN A 54 -15.91 5.10 22.86
CA ASN A 54 -16.92 5.17 23.90
C ASN A 54 -16.44 5.98 25.10
N THR A 55 -15.23 5.67 25.57
CA THR A 55 -14.71 6.30 26.78
C THR A 55 -13.81 7.49 26.47
N GLY A 56 -13.07 7.40 25.37
CA GLY A 56 -12.17 8.47 24.99
C GLY A 56 -10.72 8.20 25.39
N GLN A 57 -10.49 7.01 25.94
CA GLN A 57 -9.13 6.60 26.27
C GLN A 57 -8.26 6.47 25.01
N THR A 58 -7.03 6.97 25.10
CA THR A 58 -6.09 6.85 23.99
C THR A 58 -4.83 6.14 24.45
N THR A 59 -4.18 5.48 23.50
CA THR A 59 -2.92 4.80 23.73
C THR A 59 -2.03 4.98 22.50
N TYR A 60 -0.79 5.39 22.73
CA TYR A 60 0.13 5.67 21.63
C TYR A 60 1.36 4.79 21.71
N ALA A 61 1.89 4.42 20.55
CA ALA A 61 3.21 3.79 20.50
C ALA A 61 4.24 4.81 20.99
N GLU A 62 5.36 4.32 21.53
CA GLU A 62 6.39 5.19 22.10
C GLU A 62 6.78 6.32 21.17
N GLU A 63 6.97 5.97 19.90
CA GLU A 63 7.46 6.89 18.89
C GLU A 63 6.53 8.08 18.67
N PHE A 64 5.27 7.94 19.06
CA PHE A 64 4.26 8.95 18.74
C PHE A 64 3.60 9.56 19.96
N ARG A 65 4.25 9.45 21.12
CA ARG A 65 3.70 9.99 22.37
C ARG A 65 3.61 11.52 22.34
N GLY A 66 4.73 12.17 22.05
CA GLY A 66 4.83 13.61 22.14
C GLY A 66 3.79 14.43 21.40
N ARG A 67 3.92 14.47 20.08
CA ARG A 67 3.22 15.49 19.30
C ARG A 67 1.92 15.01 18.63
N PHE A 68 1.50 13.78 18.92
CA PHE A 68 0.34 13.21 18.25
C PHE A 68 -0.86 13.07 19.15
N ALA A 69 -2.02 13.48 18.66
CA ALA A 69 -3.23 13.46 19.47
C ALA A 69 -4.43 12.96 18.67
N ILE A 70 -5.07 11.91 19.17
CA ILE A 70 -6.29 11.40 18.57
C ILE A 70 -7.49 11.92 19.33
N SER A 71 -8.48 12.41 18.61
CA SER A 71 -9.68 12.95 19.24
C SER A 71 -10.93 12.51 18.49
N LEU A 72 -12.09 12.95 18.98
CA LEU A 72 -13.38 12.52 18.46
C LEU A 72 -14.35 13.66 18.23
N GLU A 73 -15.25 13.47 17.27
CA GLU A 73 -16.49 14.22 17.20
C GLU A 73 -17.62 13.21 17.04
N THR A 74 -18.06 12.67 18.17
CA THR A 74 -18.99 11.54 18.20
C THR A 74 -20.28 11.81 17.45
N SER A 75 -20.76 13.05 17.55
CA SER A 75 -21.99 13.47 16.90
C SER A 75 -21.88 13.43 15.38
N ALA A 76 -20.65 13.41 14.88
CA ALA A 76 -20.41 13.37 13.44
C ALA A 76 -19.76 12.06 13.02
N SER A 77 -19.67 11.11 13.96
CA SER A 77 -19.03 9.82 13.73
C SER A 77 -17.64 9.98 13.13
N THR A 78 -16.88 10.91 13.69
CA THR A 78 -15.60 11.29 13.12
C THR A 78 -14.48 11.24 14.16
N ALA A 79 -13.32 10.76 13.75
CA ALA A 79 -12.13 10.78 14.59
C ALA A 79 -11.07 11.65 13.92
N PHE A 80 -10.18 12.23 14.73
CA PHE A 80 -9.17 13.15 14.21
C PHE A 80 -7.78 12.74 14.65
N LEU A 81 -6.81 12.99 13.78
CA LEU A 81 -5.40 12.86 14.14
C LEU A 81 -4.77 14.23 14.03
N THR A 82 -4.39 14.80 15.17
CA THR A 82 -3.74 16.10 15.19
C THR A 82 -2.26 15.93 15.49
N ILE A 83 -1.43 16.44 14.60
CA ILE A 83 0.02 16.41 14.78
C ILE A 83 0.52 17.83 14.95
N SER A 84 1.14 18.10 16.08
CA SER A 84 1.60 19.45 16.39
C SER A 84 3.10 19.59 16.16
N ASN A 85 3.55 20.82 16.01
CA ASN A 85 4.97 21.12 15.87
C ASN A 85 5.58 20.28 14.75
N LEU A 86 4.93 20.30 13.59
CA LEU A 86 5.27 19.40 12.49
C LEU A 86 6.75 19.42 12.19
N LYS A 87 7.32 18.23 12.08
CA LYS A 87 8.74 18.08 11.84
C LYS A 87 8.94 17.43 10.48
N ASN A 88 10.17 17.51 10.00
CA ASN A 88 10.49 17.07 8.66
C ASN A 88 10.10 15.61 8.39
N GLU A 89 10.25 14.77 9.41
CA GLU A 89 10.05 13.34 9.28
C GLU A 89 8.58 12.94 9.40
N ASP A 90 7.71 13.94 9.53
CA ASP A 90 6.28 13.66 9.59
C ASP A 90 5.68 13.47 8.20
N SER A 91 6.45 13.74 7.14
CA SER A 91 5.97 13.53 5.78
C SER A 91 5.68 12.05 5.56
N ALA A 92 4.42 11.72 5.31
CA ALA A 92 4.00 10.33 5.18
C ALA A 92 2.54 10.28 4.75
N THR A 93 2.06 9.07 4.50
CA THR A 93 0.64 8.89 4.29
C THR A 93 0.08 8.30 5.59
N TYR A 94 -0.99 8.90 6.10
CA TYR A 94 -1.57 8.43 7.34
C TYR A 94 -2.91 7.75 7.10
N PHE A 95 -3.11 6.60 7.75
CA PHE A 95 -4.33 5.83 7.61
C PHE A 95 -5.08 5.75 8.92
N CYS A 96 -6.38 5.97 8.87
CA CYS A 96 -7.24 5.60 9.99
C CYS A 96 -7.88 4.25 9.64
N ALA A 97 -8.20 3.49 10.66
CA ALA A 97 -8.89 2.22 10.44
C ALA A 97 -9.72 1.87 11.66
N ARG A 98 -10.87 1.24 11.41
CA ARG A 98 -11.70 0.78 12.52
C ARG A 98 -11.00 -0.36 13.23
N LEU A 99 -11.10 -0.37 14.56
CA LEU A 99 -10.57 -1.47 15.35
C LEU A 99 -11.73 -2.30 15.88
N ILE A 100 -11.81 -3.55 15.42
CA ILE A 100 -12.84 -4.47 15.88
C ILE A 100 -12.27 -5.52 16.81
N TYR A 101 -12.97 -5.76 17.91
CA TYR A 101 -12.63 -6.82 18.85
C TYR A 101 -13.87 -7.67 19.08
N ASP A 102 -13.84 -8.92 18.61
CA ASP A 102 -15.04 -9.76 18.62
C ASP A 102 -15.12 -10.67 19.84
N GLY A 103 -14.30 -10.37 20.85
CA GLY A 103 -14.26 -11.18 22.06
C GLY A 103 -13.09 -12.14 22.03
N ASP A 104 -12.54 -12.35 20.84
CA ASP A 104 -11.39 -13.24 20.70
C ASP A 104 -10.19 -12.56 20.06
N TYR A 105 -10.42 -11.90 18.93
CA TYR A 105 -9.33 -11.32 18.17
C TYR A 105 -9.55 -9.84 17.84
N ILE A 106 -8.45 -9.12 17.72
CA ILE A 106 -8.47 -7.68 17.53
C ILE A 106 -7.82 -7.33 16.20
N SER A 107 -8.52 -6.57 15.37
CA SER A 107 -7.94 -6.22 14.07
C SER A 107 -8.49 -4.92 13.50
N SER A 108 -7.75 -4.37 12.54
CA SER A 108 -8.21 -3.23 11.77
C SER A 108 -8.96 -3.74 10.54
N ASP A 109 -10.29 -3.80 10.62
CA ASP A 109 -11.06 -4.51 9.61
C ASP A 109 -11.53 -3.60 8.46
N PHE A 110 -11.64 -2.30 8.72
CA PHE A 110 -11.98 -1.35 7.67
C PHE A 110 -11.08 -0.13 7.76
N TRP A 111 -10.57 0.31 6.61
CA TRP A 111 -9.55 1.36 6.53
C TRP A 111 -10.01 2.61 5.77
N GLY A 112 -9.55 3.78 6.20
CA GLY A 112 -9.69 4.98 5.39
C GLY A 112 -8.82 4.90 4.15
N GLN A 113 -8.92 5.88 3.25
CA GLN A 113 -8.16 5.85 2.00
C GLN A 113 -6.75 6.41 2.21
N GLY A 114 -6.50 6.97 3.38
CA GLY A 114 -5.20 7.53 3.64
C GLY A 114 -5.12 9.01 3.32
N THR A 115 -4.26 9.71 4.04
CA THR A 115 -4.05 11.14 3.87
C THR A 115 -2.56 11.41 3.73
N THR A 116 -2.16 11.98 2.59
CA THR A 116 -0.74 12.23 2.36
C THR A 116 -0.32 13.62 2.80
N LEU A 117 0.59 13.65 3.77
CA LEU A 117 1.09 14.88 4.38
C LEU A 117 2.51 15.16 3.92
N THR A 118 2.76 16.38 3.47
CA THR A 118 4.10 16.81 3.11
C THR A 118 4.51 17.96 4.00
N VAL A 119 5.65 17.82 4.67
CA VAL A 119 6.18 18.88 5.52
C VAL A 119 7.40 19.49 4.82
N SER A 120 7.24 20.72 4.36
CA SER A 120 8.25 21.37 3.56
C SER A 120 8.19 22.88 3.73
N SER A 121 9.33 23.54 3.59
CA SER A 121 9.36 24.99 3.55
C SER A 121 8.97 25.50 2.17
N ALA A 122 8.90 24.60 1.19
CA ALA A 122 8.58 24.99 -0.18
C ALA A 122 7.08 25.20 -0.34
N SER A 123 6.71 26.12 -1.23
CA SER A 123 5.31 26.43 -1.44
C SER A 123 4.70 25.55 -2.53
N THR A 124 3.38 25.42 -2.52
CA THR A 124 2.71 24.60 -3.50
C THR A 124 2.80 25.25 -4.88
N LYS A 125 2.77 24.42 -5.92
CA LYS A 125 2.61 24.91 -7.27
C LYS A 125 1.69 23.97 -8.03
N GLY A 126 0.71 24.54 -8.73
CA GLY A 126 -0.24 23.72 -9.47
C GLY A 126 0.33 23.28 -10.79
N PRO A 127 -0.04 22.08 -11.27
CA PRO A 127 0.49 21.58 -12.53
C PRO A 127 -0.07 22.29 -13.76
N SER A 128 0.71 22.29 -14.83
CA SER A 128 0.17 22.53 -16.16
C SER A 128 -0.22 21.16 -16.72
N VAL A 129 -1.35 21.09 -17.42
CA VAL A 129 -1.79 19.81 -17.96
C VAL A 129 -1.82 19.88 -19.48
N PHE A 130 -1.02 19.05 -20.14
CA PHE A 130 -0.93 19.05 -21.59
C PHE A 130 -1.42 17.73 -22.19
N PRO A 131 -2.08 17.80 -23.35
CA PRO A 131 -2.55 16.57 -24.00
C PRO A 131 -1.40 15.79 -24.64
N LEU A 132 -1.50 14.47 -24.57
CA LEU A 132 -0.63 13.59 -25.35
C LEU A 132 -1.53 13.00 -26.43
N ALA A 133 -1.65 13.70 -27.55
CA ALA A 133 -2.67 13.38 -28.56
C ALA A 133 -2.38 12.04 -29.23
N PRO A 134 -3.42 11.27 -29.53
CA PRO A 134 -3.18 10.05 -30.32
C PRO A 134 -2.84 10.41 -31.76
N SER A 135 -1.91 9.68 -32.36
CA SER A 135 -1.45 9.93 -33.73
C SER A 135 -0.96 8.63 -34.34
N SER A 136 -0.50 8.69 -35.59
CA SER A 136 0.06 7.51 -36.24
C SER A 136 1.30 7.01 -35.48
N LYS A 137 1.90 7.88 -34.69
CA LYS A 137 3.09 7.55 -33.90
C LYS A 137 2.75 6.88 -32.56
N SER A 138 1.46 6.80 -32.23
CA SER A 138 1.03 6.15 -30.99
C SER A 138 -0.02 5.07 -31.27
N THR A 139 0.01 4.54 -32.49
CA THR A 139 -0.92 3.49 -32.89
C THR A 139 -0.20 2.15 -33.08
N SER A 140 -0.86 1.06 -32.72
CA SER A 140 -0.33 -0.25 -33.02
C SER A 140 -1.41 -1.33 -32.94
N GLY A 141 -1.47 -2.13 -33.99
CA GLY A 141 -2.36 -3.27 -34.05
C GLY A 141 -3.80 -2.92 -33.74
N GLY A 142 -4.25 -1.76 -34.24
CA GLY A 142 -5.64 -1.37 -34.08
C GLY A 142 -5.94 -0.65 -32.78
N THR A 143 -4.89 -0.34 -32.01
CA THR A 143 -5.07 0.40 -30.77
C THR A 143 -4.31 1.71 -30.84
N ALA A 144 -4.81 2.72 -30.14
CA ALA A 144 -4.15 4.02 -30.11
C ALA A 144 -3.87 4.39 -28.66
N ALA A 145 -2.67 4.89 -28.40
CA ALA A 145 -2.34 5.40 -27.08
C ALA A 145 -2.52 6.92 -27.06
N LEU A 146 -3.02 7.42 -25.95
CA LEU A 146 -3.18 8.87 -25.76
C LEU A 146 -3.01 9.14 -24.27
N GLY A 147 -2.89 10.40 -23.90
CA GLY A 147 -2.66 10.66 -22.49
C GLY A 147 -2.63 12.13 -22.13
N CYS A 148 -2.27 12.39 -20.88
CA CYS A 148 -2.02 13.73 -20.39
C CYS A 148 -0.68 13.82 -19.68
N LEU A 149 0.01 14.91 -19.92
CA LEU A 149 1.24 15.24 -19.24
C LEU A 149 0.92 16.28 -18.17
N VAL A 150 1.14 15.90 -16.91
CA VAL A 150 0.86 16.75 -15.77
C VAL A 150 2.19 17.27 -15.24
N LYS A 151 2.53 18.51 -15.59
CA LYS A 151 3.90 18.98 -15.45
C LYS A 151 4.09 20.07 -14.40
N ASP A 152 5.18 19.96 -13.64
CA ASP A 152 5.65 21.03 -12.75
C ASP A 152 4.70 21.32 -11.61
N TYR A 153 4.50 20.37 -10.70
CA TYR A 153 3.68 20.65 -9.53
C TYR A 153 4.40 20.27 -8.24
N PHE A 154 3.87 20.78 -7.14
CA PHE A 154 4.36 20.45 -5.80
C PHE A 154 3.29 20.75 -4.77
N PRO A 155 3.11 19.85 -3.79
CA PRO A 155 3.77 18.56 -3.59
C PRO A 155 2.99 17.43 -4.23
N GLU A 156 3.42 16.18 -4.04
CA GLU A 156 2.53 15.04 -4.30
C GLU A 156 1.40 15.04 -3.26
N PRO A 157 0.26 14.43 -3.59
CA PRO A 157 0.03 13.74 -4.85
C PRO A 157 -0.87 14.52 -5.81
N VAL A 158 -0.82 14.12 -7.06
CA VAL A 158 -1.78 14.50 -8.09
C VAL A 158 -2.61 13.25 -8.38
N THR A 159 -3.93 13.39 -8.51
CA THR A 159 -4.72 12.24 -8.96
C THR A 159 -5.22 12.47 -10.38
N VAL A 160 -5.34 11.37 -11.13
CA VAL A 160 -5.77 11.46 -12.52
C VAL A 160 -6.80 10.39 -12.75
N SER A 161 -7.96 10.78 -13.24
CA SER A 161 -8.91 9.80 -13.75
C SER A 161 -9.14 10.09 -15.22
N TRP A 162 -9.82 9.16 -15.89
CA TRP A 162 -10.18 9.35 -17.29
C TRP A 162 -11.69 9.22 -17.40
N ASN A 163 -12.32 10.18 -18.08
CA ASN A 163 -13.77 10.18 -18.27
C ASN A 163 -14.51 10.04 -16.94
N SER A 164 -14.05 10.81 -15.95
CA SER A 164 -14.66 10.87 -14.62
C SER A 164 -14.71 9.50 -13.96
N GLY A 165 -13.73 8.66 -14.27
CA GLY A 165 -13.63 7.35 -13.65
C GLY A 165 -14.28 6.22 -14.42
N ALA A 166 -14.93 6.54 -15.55
CA ALA A 166 -15.61 5.53 -16.38
C ALA A 166 -14.64 4.80 -17.31
N LEU A 167 -13.43 5.34 -17.43
CA LEU A 167 -12.40 4.70 -18.22
C LEU A 167 -11.25 4.32 -17.31
N THR A 168 -11.04 3.02 -17.14
CA THR A 168 -9.99 2.53 -16.25
C THR A 168 -9.16 1.45 -16.92
N SER A 169 -9.80 0.66 -17.78
CA SER A 169 -9.03 -0.38 -18.47
C SER A 169 -7.96 0.22 -19.37
N GLY A 170 -6.76 -0.33 -19.34
CA GLY A 170 -5.72 0.14 -20.21
C GLY A 170 -5.08 1.45 -19.77
N VAL A 171 -5.45 1.94 -18.58
CA VAL A 171 -4.86 3.18 -18.07
C VAL A 171 -3.57 2.89 -17.32
N HIS A 172 -2.51 3.65 -17.64
CA HIS A 172 -1.30 3.67 -16.82
C HIS A 172 -1.05 5.11 -16.34
N THR A 173 -1.17 5.34 -15.05
CA THR A 173 -0.77 6.62 -14.47
C THR A 173 0.56 6.38 -13.77
N PHE A 174 1.61 6.96 -14.34
CA PHE A 174 2.97 6.64 -13.94
C PHE A 174 3.36 7.33 -12.64
N PRO A 175 4.29 6.71 -11.88
CA PRO A 175 4.88 7.41 -10.75
C PRO A 175 5.49 8.74 -11.20
N ALA A 176 5.31 9.77 -10.40
CA ALA A 176 5.86 11.08 -10.73
C ALA A 176 7.37 11.03 -10.70
N VAL A 177 8.01 11.91 -11.48
CA VAL A 177 9.45 12.08 -11.41
C VAL A 177 9.74 13.42 -10.78
N LEU A 178 10.85 13.49 -10.05
CA LEU A 178 11.28 14.75 -9.44
C LEU A 178 12.20 15.51 -10.38
N GLN A 179 11.77 16.68 -10.83
CA GLN A 179 12.62 17.48 -11.71
C GLN A 179 13.71 18.20 -10.92
N SER A 180 14.72 18.69 -11.63
CA SER A 180 15.84 19.38 -11.00
C SER A 180 15.36 20.51 -10.10
N SER A 181 14.31 21.20 -10.54
CA SER A 181 13.71 22.30 -9.81
C SER A 181 13.09 21.91 -8.46
N GLY A 182 12.90 20.61 -8.24
CA GLY A 182 12.19 20.17 -7.05
C GLY A 182 10.70 20.04 -7.29
N LEU A 183 10.27 20.34 -8.52
CA LEU A 183 8.89 20.13 -8.94
C LEU A 183 8.70 18.73 -9.50
N TYR A 184 7.48 18.24 -9.43
CA TYR A 184 7.15 16.93 -9.97
C TYR A 184 6.48 17.00 -11.33
N SER A 185 6.55 15.90 -12.07
N SER A 185 6.62 15.91 -12.08
CA SER A 185 5.85 15.77 -13.33
CA SER A 185 5.87 15.71 -13.31
C SER A 185 5.48 14.31 -13.56
C SER A 185 5.38 14.28 -13.33
N LEU A 186 4.25 14.06 -13.98
CA LEU A 186 3.83 12.68 -14.24
C LEU A 186 3.07 12.60 -15.54
N SER A 187 2.98 11.41 -16.09
CA SER A 187 2.14 11.21 -17.24
C SER A 187 1.11 10.15 -16.92
N SER A 188 -0.04 10.27 -17.57
CA SER A 188 -1.08 9.25 -17.47
C SER A 188 -1.52 8.93 -18.89
N VAL A 189 -1.53 7.65 -19.23
CA VAL A 189 -1.85 7.26 -20.60
C VAL A 189 -2.91 6.17 -20.62
N VAL A 190 -3.56 6.04 -21.76
CA VAL A 190 -4.56 5.01 -21.92
C VAL A 190 -4.52 4.50 -23.35
N THR A 191 -4.72 3.20 -23.53
N THR A 191 -4.73 3.20 -23.53
CA THR A 191 -4.81 2.65 -24.87
CA THR A 191 -4.81 2.65 -24.87
C THR A 191 -6.27 2.37 -25.17
C THR A 191 -6.27 2.37 -25.16
N VAL A 192 -6.71 2.79 -26.35
CA VAL A 192 -8.10 2.67 -26.74
C VAL A 192 -8.18 2.12 -28.17
N PRO A 193 -9.38 1.77 -28.62
CA PRO A 193 -9.51 1.31 -30.02
C PRO A 193 -9.22 2.44 -31.00
N SER A 194 -8.44 2.15 -32.04
CA SER A 194 -8.22 3.11 -33.12
C SER A 194 -9.53 3.47 -33.81
N SER A 195 -10.40 2.47 -33.94
CA SER A 195 -11.60 2.62 -34.76
C SER A 195 -12.59 3.67 -34.26
N SER A 196 -12.58 3.94 -32.96
CA SER A 196 -13.61 4.83 -32.39
C SER A 196 -13.07 6.17 -31.91
N LEU A 197 -11.85 6.52 -32.31
CA LEU A 197 -11.33 7.86 -31.99
C LEU A 197 -12.26 8.96 -32.49
N GLY A 198 -13.04 8.67 -33.53
CA GLY A 198 -13.95 9.65 -34.09
C GLY A 198 -15.28 9.80 -33.36
N THR A 199 -15.60 8.84 -32.49
CA THR A 199 -16.89 8.84 -31.81
C THR A 199 -16.78 8.99 -30.29
N GLN A 200 -15.64 8.57 -29.73
CA GLN A 200 -15.43 8.61 -28.29
C GLN A 200 -14.71 9.89 -27.87
N THR A 201 -15.02 10.36 -26.67
CA THR A 201 -14.38 11.53 -26.12
C THR A 201 -13.54 11.10 -24.94
N TYR A 202 -12.29 11.56 -24.92
CA TYR A 202 -11.36 11.19 -23.85
C TYR A 202 -10.93 12.43 -23.09
N ILE A 203 -11.23 12.43 -21.80
CA ILE A 203 -10.95 13.56 -20.93
C ILE A 203 -10.16 13.09 -19.73
N CYS A 204 -8.99 13.69 -19.50
CA CYS A 204 -8.29 13.36 -18.27
C CYS A 204 -8.68 14.38 -17.21
N ASN A 205 -9.07 13.87 -16.05
CA ASN A 205 -9.47 14.71 -14.94
C ASN A 205 -8.33 14.75 -13.94
N VAL A 206 -7.71 15.91 -13.83
CA VAL A 206 -6.52 16.08 -13.01
C VAL A 206 -6.85 16.91 -11.79
N ASN A 207 -6.53 16.38 -10.62
CA ASN A 207 -6.82 17.05 -9.36
C ASN A 207 -5.54 17.19 -8.54
N HIS A 208 -5.09 18.42 -8.29
CA HIS A 208 -3.98 18.66 -7.38
C HIS A 208 -4.51 19.52 -6.25
N LYS A 209 -4.91 18.87 -5.16
CA LYS A 209 -5.62 19.54 -4.09
C LYS A 209 -4.84 20.67 -3.41
N PRO A 210 -3.52 20.48 -3.18
CA PRO A 210 -2.78 21.54 -2.48
C PRO A 210 -2.77 22.89 -3.21
N SER A 211 -2.98 22.89 -4.52
CA SER A 211 -3.00 24.15 -5.28
C SER A 211 -4.39 24.46 -5.82
N ASN A 212 -5.40 23.73 -5.33
CA ASN A 212 -6.78 23.91 -5.81
C ASN A 212 -6.92 23.69 -7.32
N THR A 213 -6.00 22.92 -7.90
CA THR A 213 -6.06 22.68 -9.34
C THR A 213 -7.05 21.58 -9.64
N LYS A 214 -8.02 21.89 -10.48
CA LYS A 214 -8.92 20.88 -10.99
C LYS A 214 -9.06 21.14 -12.48
N VAL A 215 -8.47 20.27 -13.27
CA VAL A 215 -8.43 20.46 -14.72
C VAL A 215 -9.06 19.28 -15.43
N ASP A 216 -9.92 19.55 -16.41
CA ASP A 216 -10.43 18.49 -17.29
C ASP A 216 -9.93 18.80 -18.68
N LYS A 217 -9.01 17.99 -19.17
CA LYS A 217 -8.41 18.23 -20.47
C LYS A 217 -8.90 17.19 -21.47
N LYS A 218 -9.57 17.67 -22.51
CA LYS A 218 -9.99 16.81 -23.62
C LYS A 218 -8.78 16.51 -24.50
N VAL A 219 -8.57 15.23 -24.79
CA VAL A 219 -7.42 14.83 -25.59
C VAL A 219 -7.96 14.35 -26.93
N GLU A 220 -7.60 15.08 -27.99
CA GLU A 220 -8.09 14.81 -29.35
C GLU A 220 -6.97 14.54 -30.32
N PRO A 221 -7.26 13.78 -31.38
CA PRO A 221 -6.28 13.63 -32.46
C PRO A 221 -5.89 15.00 -33.02
N LYS A 222 -4.64 15.15 -33.40
CA LYS A 222 -4.16 16.39 -34.03
C LYS A 222 -4.82 16.56 -35.40
N SER A 223 -5.19 17.79 -35.75
CA SER A 223 -5.81 18.05 -37.04
C SER A 223 -4.99 19.04 -37.87
N CYS A 224 -4.79 18.71 -39.14
CA CYS A 224 -4.07 19.58 -40.07
C CYS A 224 -4.32 19.17 -41.52
N ASP B 1 8.11 -4.18 24.17
CA ASP B 1 7.26 -4.27 22.99
C ASP B 1 7.60 -5.50 22.16
N ILE B 2 6.62 -5.99 21.41
CA ILE B 2 6.79 -7.19 20.59
C ILE B 2 7.32 -6.86 19.20
N GLN B 3 8.44 -7.48 18.83
CA GLN B 3 9.00 -7.35 17.48
C GLN B 3 8.47 -8.43 16.57
N MET B 4 8.05 -8.03 15.37
CA MET B 4 7.62 -8.98 14.35
C MET B 4 8.68 -9.04 13.26
N THR B 5 9.24 -10.22 13.05
CA THR B 5 10.27 -10.43 12.03
C THR B 5 9.72 -11.21 10.86
N GLN B 6 9.56 -10.52 9.74
CA GLN B 6 8.92 -11.08 8.58
C GLN B 6 9.95 -11.56 7.55
N SER B 7 9.64 -12.64 6.84
CA SER B 7 10.56 -13.22 5.86
C SER B 7 9.79 -13.93 4.73
N PRO B 8 10.29 -13.83 3.49
CA PRO B 8 11.45 -13.03 3.06
C PRO B 8 11.05 -11.58 2.84
N ASP B 9 11.99 -10.73 2.46
CA ASP B 9 11.68 -9.33 2.16
C ASP B 9 10.88 -9.19 0.88
N SER B 10 11.18 -10.06 -0.08
CA SER B 10 10.40 -10.10 -1.31
C SER B 10 10.56 -11.46 -1.96
N LEU B 11 9.59 -11.83 -2.77
CA LEU B 11 9.72 -13.05 -3.56
C LEU B 11 8.83 -12.97 -4.77
N SER B 12 9.11 -13.81 -5.75
CA SER B 12 8.28 -13.85 -6.94
C SER B 12 8.03 -15.30 -7.29
N ALA B 13 6.88 -15.54 -7.89
CA ALA B 13 6.48 -16.88 -8.26
C ALA B 13 5.58 -16.81 -9.48
N SER B 14 5.44 -17.94 -10.16
CA SER B 14 4.60 -18.01 -11.34
C SER B 14 3.15 -18.20 -10.95
N VAL B 15 2.25 -17.74 -11.81
CA VAL B 15 0.83 -17.95 -11.60
C VAL B 15 0.59 -19.43 -11.39
N GLY B 16 -0.20 -19.76 -10.38
CA GLY B 16 -0.51 -21.15 -10.09
C GLY B 16 0.40 -21.83 -9.07
N GLU B 17 1.56 -21.26 -8.78
CA GLU B 17 2.42 -21.82 -7.75
C GLU B 17 1.88 -21.45 -6.36
N THR B 18 2.33 -22.18 -5.35
CA THR B 18 1.98 -21.85 -3.97
C THR B 18 3.09 -21.01 -3.35
N VAL B 19 2.70 -20.04 -2.54
CA VAL B 19 3.64 -19.15 -1.90
C VAL B 19 3.49 -19.21 -0.38
N THR B 20 4.60 -19.20 0.34
CA THR B 20 4.56 -19.08 1.79
C THR B 20 5.40 -17.92 2.29
N ILE B 21 4.79 -17.08 3.11
CA ILE B 21 5.46 -15.98 3.79
C ILE B 21 5.38 -16.24 5.29
N THR B 22 6.42 -15.88 6.02
CA THR B 22 6.44 -16.20 7.44
C THR B 22 6.72 -14.97 8.30
N CYS B 23 6.31 -15.07 9.55
CA CYS B 23 6.43 -14.00 10.53
C CYS B 23 6.82 -14.59 11.88
N GLY B 24 7.90 -14.08 12.47
CA GLY B 24 8.32 -14.49 13.80
C GLY B 24 8.04 -13.39 14.82
N ALA B 25 7.38 -13.77 15.91
CA ALA B 25 7.10 -12.86 17.00
C ALA B 25 8.17 -13.00 18.07
N SER B 26 8.67 -11.88 18.59
CA SER B 26 9.76 -11.90 19.56
C SER B 26 9.38 -12.64 20.83
N GLU B 27 8.08 -12.80 21.07
CA GLU B 27 7.59 -13.61 22.17
C GLU B 27 6.28 -14.27 21.77
N ASN B 28 5.78 -15.18 22.60
CA ASN B 28 4.52 -15.86 22.31
C ASN B 28 3.37 -14.86 22.28
N ILE B 29 2.54 -14.93 21.23
CA ILE B 29 1.39 -14.03 21.15
C ILE B 29 0.08 -14.81 21.01
N TYR B 30 0.15 -16.11 21.24
CA TYR B 30 -1.02 -16.93 21.50
C TYR B 30 -2.11 -16.81 20.43
N GLY B 31 -1.68 -16.70 19.17
CA GLY B 31 -2.59 -16.70 18.05
C GLY B 31 -3.14 -15.33 17.70
N ALA B 32 -2.81 -14.32 18.51
CA ALA B 32 -3.29 -12.97 18.27
C ALA B 32 -2.45 -12.32 17.17
N LEU B 33 -2.70 -12.72 15.93
CA LEU B 33 -1.89 -12.31 14.80
C LEU B 33 -2.75 -12.01 13.58
N ASN B 34 -2.54 -10.84 12.98
CA ASN B 34 -3.25 -10.49 11.74
C ASN B 34 -2.31 -10.46 10.53
N TRP B 35 -2.84 -10.82 9.37
CA TRP B 35 -2.16 -10.56 8.10
C TRP B 35 -2.95 -9.52 7.34
N TYR B 36 -2.23 -8.60 6.68
CA TYR B 36 -2.83 -7.61 5.80
C TYR B 36 -2.22 -7.66 4.41
N GLN B 37 -3.04 -7.32 3.42
CA GLN B 37 -2.60 -7.19 2.05
C GLN B 37 -2.68 -5.73 1.66
N ARG B 38 -1.57 -5.19 1.15
CA ARG B 38 -1.57 -3.80 0.67
C ARG B 38 -1.13 -3.74 -0.78
N LYS B 39 -2.10 -3.52 -1.67
CA LYS B 39 -1.82 -3.34 -3.08
C LYS B 39 -1.26 -1.93 -3.31
N GLN B 40 -0.42 -1.77 -4.34
CA GLN B 40 0.26 -0.49 -4.57
C GLN B 40 -0.74 0.65 -4.66
N GLY B 41 -0.48 1.72 -3.90
CA GLY B 41 -1.32 2.90 -3.89
C GLY B 41 -2.67 2.70 -3.23
N LYS B 42 -2.90 1.53 -2.65
CA LYS B 42 -4.18 1.24 -1.99
C LYS B 42 -4.02 1.13 -0.48
N SER B 43 -5.14 1.19 0.24
CA SER B 43 -5.10 0.98 1.68
C SER B 43 -4.87 -0.49 1.96
N PRO B 44 -4.14 -0.78 3.03
CA PRO B 44 -4.05 -2.17 3.50
C PRO B 44 -5.44 -2.72 3.75
N GLN B 45 -5.62 -4.01 3.50
CA GLN B 45 -6.86 -4.69 3.82
C GLN B 45 -6.58 -5.90 4.70
N LEU B 46 -7.44 -6.13 5.67
CA LEU B 46 -7.34 -7.30 6.53
C LEU B 46 -7.49 -8.57 5.71
N LEU B 47 -6.54 -9.48 5.88
CA LEU B 47 -6.51 -10.74 5.15
C LEU B 47 -6.81 -11.91 6.09
N ILE B 48 -6.05 -11.98 7.18
CA ILE B 48 -6.22 -13.01 8.20
C ILE B 48 -6.29 -12.36 9.57
N TYR B 49 -7.14 -12.89 10.44
CA TYR B 49 -7.16 -12.50 11.85
C TYR B 49 -7.13 -13.76 12.71
N GLY B 50 -6.64 -13.63 13.93
CA GLY B 50 -6.53 -14.79 14.81
C GLY B 50 -5.63 -15.85 14.21
N ALA B 51 -4.67 -15.41 13.38
CA ALA B 51 -3.63 -16.26 12.81
C ALA B 51 -4.11 -17.20 11.70
N THR B 52 -5.38 -17.60 11.74
CA THR B 52 -5.85 -18.66 10.85
C THR B 52 -7.22 -18.38 10.24
N ASN B 53 -7.82 -17.25 10.60
CA ASN B 53 -9.18 -16.98 10.16
C ASN B 53 -9.19 -16.02 8.96
N LEU B 54 -9.82 -16.49 7.88
CA LEU B 54 -9.91 -15.72 6.65
C LEU B 54 -10.87 -14.56 6.83
N ALA B 55 -10.38 -13.35 6.60
CA ALA B 55 -11.21 -12.15 6.66
C ALA B 55 -12.34 -12.27 5.65
N ASP B 56 -13.50 -11.74 6.03
CA ASP B 56 -14.68 -11.82 5.19
C ASP B 56 -14.42 -11.17 3.84
N GLY B 57 -14.82 -11.85 2.77
CA GLY B 57 -14.72 -11.29 1.44
C GLY B 57 -13.39 -11.53 0.75
N MET B 58 -12.41 -12.00 1.49
CA MET B 58 -11.09 -12.29 0.94
C MET B 58 -11.02 -13.72 0.37
N SER B 59 -10.09 -13.95 -0.56
CA SER B 59 -10.01 -15.23 -1.27
C SER B 59 -9.60 -16.42 -0.38
N SER B 60 -10.27 -17.55 -0.60
CA SER B 60 -9.99 -18.77 0.16
C SER B 60 -8.62 -19.35 -0.21
N ARG B 61 -8.01 -18.79 -1.25
CA ARG B 61 -6.67 -19.18 -1.66
C ARG B 61 -5.66 -18.78 -0.59
N PHE B 62 -6.05 -17.83 0.25
CA PHE B 62 -5.22 -17.41 1.38
C PHE B 62 -5.57 -18.20 2.64
N SER B 63 -4.55 -18.63 3.36
CA SER B 63 -4.75 -19.31 4.62
C SER B 63 -3.61 -18.96 5.56
N GLY B 64 -3.87 -19.03 6.86
CA GLY B 64 -2.84 -18.78 7.84
C GLY B 64 -2.65 -19.98 8.73
N SER B 65 -1.43 -20.18 9.21
CA SER B 65 -1.14 -21.28 10.12
C SER B 65 -0.12 -20.81 11.14
N ARG B 66 0.13 -21.62 12.14
CA ARG B 66 1.00 -21.24 13.24
C ARG B 66 1.79 -22.41 13.79
N SER B 67 3.05 -22.17 14.12
CA SER B 67 3.87 -23.16 14.82
C SER B 67 4.68 -22.46 15.91
N GLY B 68 4.18 -22.54 17.14
CA GLY B 68 4.81 -21.88 18.26
C GLY B 68 4.81 -20.36 18.09
N ARG B 69 5.98 -19.78 17.89
CA ARG B 69 6.10 -18.35 17.69
C ARG B 69 6.19 -17.98 16.21
N GLN B 70 6.05 -19.00 15.36
CA GLN B 70 6.17 -18.80 13.92
C GLN B 70 4.81 -18.82 13.22
N TYR B 71 4.51 -17.74 12.51
CA TYR B 71 3.24 -17.64 11.81
C TYR B 71 3.48 -17.59 10.30
N SER B 72 2.64 -18.29 9.57
CA SER B 72 2.81 -18.42 8.13
C SER B 72 1.54 -18.04 7.39
N LEU B 73 1.72 -17.31 6.31
CA LEU B 73 0.65 -17.00 5.37
C LEU B 73 0.93 -17.79 4.09
N LYS B 74 -0.08 -18.51 3.62
CA LYS B 74 0.07 -19.33 2.43
C LYS B 74 -0.91 -18.91 1.36
N ILE B 75 -0.40 -18.74 0.14
CA ILE B 75 -1.24 -18.65 -1.04
C ILE B 75 -1.12 -19.96 -1.81
N SER B 76 -2.25 -20.61 -2.06
CA SER B 76 -2.28 -21.97 -2.58
C SER B 76 -2.10 -22.05 -4.08
N SER B 77 -2.44 -20.96 -4.76
CA SER B 77 -2.42 -20.94 -6.21
C SER B 77 -2.35 -19.47 -6.62
N LEU B 78 -1.12 -19.00 -6.87
CA LEU B 78 -0.89 -17.56 -7.09
C LEU B 78 -1.67 -17.05 -8.29
N HIS B 79 -2.35 -15.92 -8.11
CA HIS B 79 -3.02 -15.19 -9.19
C HIS B 79 -2.30 -13.86 -9.42
N PRO B 80 -2.38 -13.32 -10.65
CA PRO B 80 -1.70 -12.06 -10.94
C PRO B 80 -2.11 -10.93 -9.99
N ASP B 81 -3.36 -10.93 -9.54
CA ASP B 81 -3.81 -9.81 -8.70
C ASP B 81 -3.36 -9.97 -7.25
N ASP B 82 -2.49 -10.95 -6.99
CA ASP B 82 -1.93 -11.11 -5.65
C ASP B 82 -0.72 -10.22 -5.44
N VAL B 83 -0.28 -9.53 -6.49
N VAL B 83 -0.30 -9.51 -6.48
CA VAL B 83 0.88 -8.68 -6.34
CA VAL B 83 0.87 -8.65 -6.36
C VAL B 83 0.56 -7.59 -5.34
C VAL B 83 0.56 -7.58 -5.34
N ALA B 84 1.38 -7.49 -4.30
CA ALA B 84 1.07 -6.65 -3.16
C ALA B 84 2.20 -6.72 -2.14
N THR B 85 2.13 -5.86 -1.14
CA THR B 85 2.95 -6.06 0.03
C THR B 85 2.11 -6.69 1.11
N TYR B 86 2.65 -7.73 1.73
CA TYR B 86 1.96 -8.46 2.78
C TYR B 86 2.59 -8.20 4.15
N TYR B 87 1.74 -7.89 5.12
CA TYR B 87 2.19 -7.56 6.47
C TYR B 87 1.58 -8.47 7.51
N CYS B 88 2.40 -8.95 8.43
CA CYS B 88 1.88 -9.55 9.65
C CYS B 88 1.73 -8.44 10.69
N GLN B 89 0.93 -8.68 11.72
CA GLN B 89 0.75 -7.72 12.80
C GLN B 89 0.51 -8.41 14.14
N ASN B 90 1.28 -8.02 15.15
CA ASN B 90 0.98 -8.35 16.53
C ASN B 90 -0.37 -7.74 16.92
N ALA B 91 -1.31 -8.57 17.33
CA ALA B 91 -2.62 -8.09 17.72
C ALA B 91 -3.00 -8.56 19.14
N LEU B 92 -1.98 -8.88 19.94
CA LEU B 92 -2.20 -9.34 21.31
C LEU B 92 -2.40 -8.17 22.27
N SER B 93 -1.37 -7.33 22.38
CA SER B 93 -1.44 -6.13 23.18
C SER B 93 -0.82 -4.96 22.41
N MET B 94 -1.25 -3.74 22.75
CA MET B 94 -0.70 -2.54 22.15
C MET B 94 0.73 -2.32 22.62
N PRO B 95 1.61 -1.79 21.76
CA PRO B 95 1.28 -1.35 20.40
C PRO B 95 1.12 -2.51 19.41
N TYR B 96 0.16 -2.40 18.49
CA TYR B 96 -0.08 -3.46 17.50
C TYR B 96 0.92 -3.39 16.36
N THR B 97 2.16 -3.76 16.67
CA THR B 97 3.29 -3.60 15.76
C THR B 97 3.20 -4.43 14.47
N PHE B 98 3.48 -3.78 13.35
CA PHE B 98 3.54 -4.46 12.05
C PHE B 98 4.91 -5.08 11.80
N GLY B 99 4.93 -6.21 11.08
CA GLY B 99 6.17 -6.70 10.49
C GLY B 99 6.65 -5.78 9.38
N GLY B 100 7.85 -6.02 8.88
CA GLY B 100 8.45 -5.14 7.89
C GLY B 100 7.84 -5.24 6.50
N GLY B 101 7.06 -6.28 6.27
CA GLY B 101 6.41 -6.44 4.98
C GLY B 101 7.15 -7.34 4.02
N THR B 102 6.40 -8.04 3.19
CA THR B 102 6.95 -8.91 2.16
C THR B 102 6.34 -8.55 0.83
N ASN B 103 7.17 -8.13 -0.12
CA ASN B 103 6.70 -7.81 -1.47
C ASN B 103 6.56 -9.07 -2.31
N LEU B 104 5.39 -9.26 -2.89
CA LEU B 104 5.14 -10.40 -3.74
C LEU B 104 4.95 -9.95 -5.19
N GLU B 105 5.77 -10.48 -6.09
CA GLU B 105 5.65 -10.23 -7.52
C GLU B 105 5.38 -11.52 -8.28
N THR B 106 4.87 -11.36 -9.49
CA THR B 106 4.51 -12.47 -10.34
C THR B 106 5.57 -12.68 -11.42
N LYS B 107 5.88 -13.93 -11.72
CA LYS B 107 6.74 -14.23 -12.85
C LYS B 107 5.82 -14.56 -14.02
N ARG B 108 6.25 -14.21 -15.23
CA ARG B 108 5.51 -14.57 -16.42
C ARG B 108 6.44 -14.66 -17.63
N THR B 109 5.88 -14.95 -18.78
CA THR B 109 6.68 -15.05 -20.01
C THR B 109 7.19 -13.69 -20.43
N VAL B 110 8.29 -13.70 -21.17
CA VAL B 110 8.82 -12.49 -21.80
C VAL B 110 7.77 -11.85 -22.69
N ALA B 111 7.63 -10.52 -22.57
CA ALA B 111 6.75 -9.75 -23.43
C ALA B 111 7.47 -8.48 -23.86
N ALA B 112 7.60 -8.29 -25.16
CA ALA B 112 8.23 -7.08 -25.69
C ALA B 112 7.34 -5.87 -25.47
N PRO B 113 7.94 -4.69 -25.24
CA PRO B 113 7.13 -3.47 -25.13
C PRO B 113 6.54 -3.06 -26.47
N SER B 114 5.35 -2.45 -26.41
CA SER B 114 4.84 -1.68 -27.54
C SER B 114 5.31 -0.25 -27.33
N VAL B 115 5.91 0.36 -28.36
CA VAL B 115 6.55 1.64 -28.16
C VAL B 115 5.83 2.75 -28.92
N PHE B 116 5.62 3.88 -28.24
CA PHE B 116 4.87 5.01 -28.80
C PHE B 116 5.59 6.31 -28.48
N ILE B 117 5.45 7.28 -29.36
CA ILE B 117 6.09 8.57 -29.09
C ILE B 117 5.09 9.71 -29.31
N PHE B 118 5.26 10.76 -28.50
CA PHE B 118 4.36 11.91 -28.52
C PHE B 118 5.18 13.19 -28.62
N PRO B 119 5.04 13.93 -29.74
CA PRO B 119 5.61 15.28 -29.86
C PRO B 119 5.05 16.19 -28.76
N PRO B 120 5.72 17.30 -28.46
CA PRO B 120 5.11 18.26 -27.54
C PRO B 120 3.79 18.81 -28.08
N SER B 121 2.88 19.15 -27.17
CA SER B 121 1.62 19.77 -27.57
C SER B 121 1.86 21.20 -28.04
N ASP B 122 0.97 21.70 -28.88
CA ASP B 122 1.01 23.10 -29.26
C ASP B 122 0.82 24.00 -28.04
N GLU B 123 0.00 23.55 -27.10
CA GLU B 123 -0.24 24.32 -25.89
C GLU B 123 1.04 24.48 -25.09
N GLN B 124 1.81 23.41 -24.96
CA GLN B 124 3.06 23.53 -24.22
C GLN B 124 4.07 24.37 -25.00
N LEU B 125 4.16 24.17 -26.30
CA LEU B 125 5.08 24.95 -27.12
C LEU B 125 4.80 26.44 -26.97
N LYS B 126 3.50 26.77 -26.94
CA LYS B 126 3.08 28.15 -26.69
C LYS B 126 3.75 28.73 -25.45
N SER B 127 3.88 27.90 -24.42
CA SER B 127 4.37 28.34 -23.12
C SER B 127 5.90 28.42 -23.07
N GLY B 128 6.58 27.94 -24.10
CA GLY B 128 8.03 28.10 -24.20
C GLY B 128 8.85 26.84 -23.96
N THR B 129 8.19 25.71 -23.75
CA THR B 129 8.90 24.46 -23.46
C THR B 129 8.40 23.33 -24.37
N ALA B 130 9.24 22.32 -24.57
CA ALA B 130 8.87 21.16 -25.36
C ALA B 130 9.20 19.88 -24.59
N SER B 131 8.17 19.15 -24.18
CA SER B 131 8.37 17.80 -23.64
C SER B 131 7.96 16.76 -24.65
N VAL B 132 8.87 15.81 -24.90
CA VAL B 132 8.62 14.69 -25.81
C VAL B 132 8.50 13.44 -24.96
N VAL B 133 7.46 12.64 -25.19
CA VAL B 133 7.20 11.49 -24.33
C VAL B 133 7.31 10.21 -25.12
N CYS B 134 8.07 9.26 -24.58
CA CYS B 134 8.20 7.92 -25.13
C CYS B 134 7.53 6.97 -24.17
N LEU B 135 6.62 6.16 -24.69
CA LEU B 135 5.84 5.24 -23.88
C LEU B 135 6.19 3.80 -24.26
N LEU B 136 6.58 3.01 -23.25
CA LEU B 136 6.84 1.59 -23.42
C LEU B 136 5.75 0.83 -22.68
N ASN B 137 4.87 0.17 -23.42
CA ASN B 137 3.67 -0.41 -22.82
C ASN B 137 3.76 -1.90 -22.63
N ASN B 138 3.42 -2.34 -21.42
CA ASN B 138 3.12 -3.74 -21.08
C ASN B 138 4.19 -4.72 -21.48
N PHE B 139 5.36 -4.60 -20.86
CA PHE B 139 6.45 -5.50 -21.17
C PHE B 139 6.86 -6.30 -19.95
N TYR B 140 7.64 -7.35 -20.17
CA TYR B 140 8.16 -8.17 -19.08
C TYR B 140 9.39 -8.91 -19.60
N PRO B 141 10.50 -8.91 -18.84
CA PRO B 141 10.66 -8.40 -17.46
C PRO B 141 10.78 -6.89 -17.35
N ARG B 142 10.93 -6.40 -16.13
N ARG B 142 10.95 -6.41 -16.12
CA ARG B 142 10.89 -4.97 -15.85
CA ARG B 142 10.92 -4.99 -15.82
C ARG B 142 12.04 -4.17 -16.46
C ARG B 142 12.03 -4.20 -16.50
N GLU B 143 13.19 -4.83 -16.63
CA GLU B 143 14.38 -4.16 -17.14
C GLU B 143 14.20 -3.76 -18.60
N ALA B 144 14.35 -2.48 -18.88
CA ALA B 144 14.22 -1.95 -20.23
C ALA B 144 15.13 -0.75 -20.33
N LYS B 145 15.60 -0.45 -21.53
CA LYS B 145 16.47 0.70 -21.72
C LYS B 145 15.93 1.61 -22.81
N VAL B 146 15.84 2.90 -22.48
CA VAL B 146 15.47 3.92 -23.45
C VAL B 146 16.64 4.86 -23.70
N GLN B 147 16.95 5.12 -24.97
CA GLN B 147 17.87 6.17 -25.31
C GLN B 147 17.15 7.15 -26.22
N TRP B 148 17.38 8.43 -25.98
CA TRP B 148 16.86 9.50 -26.82
C TRP B 148 17.90 9.92 -27.85
N LYS B 149 17.45 10.10 -29.09
CA LYS B 149 18.35 10.62 -30.11
C LYS B 149 17.66 11.73 -30.88
N VAL B 150 18.39 12.83 -31.02
CA VAL B 150 17.88 14.02 -31.70
C VAL B 150 18.80 14.24 -32.89
N ASP B 151 18.23 14.21 -34.09
CA ASP B 151 19.02 14.21 -35.33
C ASP B 151 20.14 13.17 -35.25
N ASN B 152 19.78 12.02 -34.70
CA ASN B 152 20.67 10.86 -34.53
C ASN B 152 21.80 11.10 -33.53
N ALA B 153 21.74 12.21 -32.79
CA ALA B 153 22.68 12.46 -31.70
C ALA B 153 22.18 11.93 -30.35
N LEU B 154 22.97 11.08 -29.69
CA LEU B 154 22.60 10.54 -28.39
C LEU B 154 22.48 11.64 -27.32
N GLN B 155 21.30 11.72 -26.73
CA GLN B 155 21.02 12.71 -25.70
C GLN B 155 21.47 12.24 -24.33
N SER B 156 21.85 13.19 -23.49
CA SER B 156 22.18 12.91 -22.11
C SER B 156 21.82 14.08 -21.20
N GLY B 157 21.20 13.80 -20.06
CA GLY B 157 20.98 14.81 -19.06
C GLY B 157 19.70 15.62 -19.20
N ASN B 158 18.85 15.27 -20.16
CA ASN B 158 17.62 16.04 -20.40
C ASN B 158 16.34 15.19 -20.44
N SER B 159 16.36 14.02 -19.81
CA SER B 159 15.15 13.22 -19.76
C SER B 159 14.97 12.63 -18.36
N GLN B 160 13.72 12.24 -18.06
CA GLN B 160 13.37 11.54 -16.82
C GLN B 160 12.42 10.40 -17.19
N GLU B 161 12.50 9.30 -16.45
CA GLU B 161 11.61 8.17 -16.73
C GLU B 161 11.11 7.54 -15.42
N SER B 162 9.98 6.83 -15.48
CA SER B 162 9.57 6.03 -14.35
C SER B 162 8.82 4.79 -14.84
N VAL B 163 8.82 3.77 -14.00
CA VAL B 163 8.19 2.51 -14.33
C VAL B 163 7.00 2.29 -13.40
N THR B 164 5.93 1.68 -13.93
CA THR B 164 4.76 1.37 -13.13
C THR B 164 5.02 0.22 -12.19
N GLU B 165 4.13 0.09 -11.21
CA GLU B 165 3.97 -1.14 -10.44
C GLU B 165 3.56 -2.27 -11.40
N GLN B 166 3.87 -3.51 -11.05
CA GLN B 166 3.47 -4.65 -11.88
C GLN B 166 1.95 -4.71 -12.02
N ASP B 167 1.50 -4.95 -13.24
CA ASP B 167 0.07 -4.99 -13.54
C ASP B 167 -0.62 -6.16 -12.83
N SER B 168 -1.79 -5.91 -12.26
N SER B 168 -1.78 -5.91 -12.24
CA SER B 168 -2.48 -6.91 -11.45
CA SER B 168 -2.48 -6.93 -11.45
C SER B 168 -3.24 -7.91 -12.31
C SER B 168 -3.21 -7.94 -12.32
N LYS B 169 -3.29 -7.65 -13.61
CA LYS B 169 -3.97 -8.55 -14.54
C LYS B 169 -3.00 -9.34 -15.42
N ASP B 170 -2.07 -8.67 -16.10
CA ASP B 170 -1.20 -9.39 -17.04
C ASP B 170 0.25 -9.47 -16.56
N SER B 171 0.51 -9.00 -15.34
CA SER B 171 1.84 -9.09 -14.74
C SER B 171 2.95 -8.34 -15.52
N THR B 172 2.59 -7.36 -16.35
CA THR B 172 3.61 -6.59 -17.07
C THR B 172 3.94 -5.28 -16.36
N TYR B 173 4.91 -4.58 -16.91
CA TYR B 173 5.29 -3.24 -16.51
C TYR B 173 5.14 -2.30 -17.70
N SER B 174 5.01 -1.01 -17.41
CA SER B 174 5.05 0.00 -18.46
C SER B 174 6.03 1.08 -18.02
N LEU B 175 6.55 1.84 -18.99
CA LEU B 175 7.54 2.85 -18.66
C LEU B 175 7.28 4.10 -19.47
N SER B 176 7.46 5.25 -18.85
CA SER B 176 7.28 6.51 -19.53
C SER B 176 8.57 7.30 -19.41
N SER B 177 9.08 7.85 -20.51
CA SER B 177 10.26 8.69 -20.47
C SER B 177 9.98 10.00 -21.17
N THR B 178 10.39 11.11 -20.55
CA THR B 178 10.17 12.44 -21.10
C THR B 178 11.47 13.16 -21.36
N LEU B 179 11.63 13.58 -22.61
CA LEU B 179 12.73 14.44 -23.03
C LEU B 179 12.23 15.87 -22.97
N THR B 180 12.86 16.71 -22.16
CA THR B 180 12.40 18.09 -22.08
C THR B 180 13.48 19.05 -22.53
N LEU B 181 13.09 19.90 -23.47
CA LEU B 181 13.97 20.91 -24.04
C LEU B 181 13.26 22.25 -23.99
N SER B 182 14.02 23.33 -24.08
CA SER B 182 13.41 24.63 -24.29
C SER B 182 12.81 24.63 -25.69
N LYS B 183 11.83 25.48 -25.91
CA LYS B 183 11.22 25.64 -27.23
C LYS B 183 12.29 25.97 -28.27
N ALA B 184 13.21 26.85 -27.91
CA ALA B 184 14.28 27.30 -28.80
C ALA B 184 15.17 26.13 -29.23
N ASP B 185 15.60 25.34 -28.25
CA ASP B 185 16.41 24.15 -28.52
C ASP B 185 15.65 23.13 -29.36
N TYR B 186 14.35 22.98 -29.09
CA TYR B 186 13.51 22.02 -29.80
C TYR B 186 13.41 22.35 -31.28
N GLU B 187 13.36 23.65 -31.58
CA GLU B 187 13.23 24.11 -32.95
C GLU B 187 14.56 24.12 -33.70
N LYS B 188 15.64 23.75 -33.03
CA LYS B 188 16.94 23.64 -33.68
C LYS B 188 17.15 22.29 -34.38
N HIS B 189 16.26 21.33 -34.14
CA HIS B 189 16.45 19.98 -34.67
C HIS B 189 15.19 19.40 -35.31
N LYS B 190 15.38 18.37 -36.14
CA LYS B 190 14.28 17.80 -36.92
C LYS B 190 13.77 16.47 -36.39
N VAL B 191 14.67 15.50 -36.27
CA VAL B 191 14.26 14.14 -35.94
C VAL B 191 14.38 13.87 -34.44
N TYR B 192 13.26 13.49 -33.85
CA TYR B 192 13.25 13.10 -32.45
C TYR B 192 12.91 11.64 -32.36
N ALA B 193 13.82 10.88 -31.76
CA ALA B 193 13.68 9.43 -31.72
C ALA B 193 13.95 8.88 -30.32
N CYS B 194 13.16 7.90 -29.90
CA CYS B 194 13.54 7.14 -28.73
C CYS B 194 13.81 5.70 -29.14
N GLU B 195 14.92 5.17 -28.63
CA GLU B 195 15.38 3.86 -29.01
C GLU B 195 15.27 2.94 -27.81
N VAL B 196 14.64 1.78 -28.01
CA VAL B 196 14.26 0.91 -26.91
C VAL B 196 14.91 -0.45 -27.05
N THR B 197 15.52 -0.89 -25.95
N THR B 197 15.53 -0.92 -25.97
CA THR B 197 16.10 -2.22 -25.84
CA THR B 197 16.06 -2.26 -25.94
C THR B 197 15.33 -2.98 -24.76
C THR B 197 15.44 -3.01 -24.76
N HIS B 198 15.07 -4.26 -25.00
CA HIS B 198 14.36 -5.06 -24.02
C HIS B 198 14.56 -6.52 -24.37
N GLN B 199 14.42 -7.40 -23.38
CA GLN B 199 14.70 -8.82 -23.60
C GLN B 199 13.82 -9.41 -24.69
N GLY B 200 12.59 -8.92 -24.83
CA GLY B 200 11.71 -9.44 -25.87
C GLY B 200 12.03 -8.96 -27.29
N LEU B 201 13.01 -8.09 -27.41
CA LEU B 201 13.41 -7.51 -28.72
C LEU B 201 14.76 -8.01 -29.17
N SER B 202 14.85 -8.51 -30.40
CA SER B 202 16.11 -9.05 -30.87
C SER B 202 17.05 -7.95 -31.34
N SER B 203 16.51 -6.78 -31.65
CA SER B 203 17.34 -5.59 -31.83
C SER B 203 16.54 -4.37 -31.38
N PRO B 204 17.22 -3.22 -31.21
CA PRO B 204 16.53 -2.03 -30.71
C PRO B 204 15.39 -1.57 -31.60
N VAL B 205 14.31 -1.14 -30.97
CA VAL B 205 13.17 -0.57 -31.66
C VAL B 205 13.24 0.95 -31.57
N THR B 206 13.14 1.63 -32.70
CA THR B 206 13.15 3.10 -32.72
C THR B 206 11.80 3.66 -33.14
N LYS B 207 11.24 4.55 -32.31
CA LYS B 207 10.06 5.33 -32.68
C LYS B 207 10.49 6.77 -32.84
N SER B 208 10.14 7.41 -33.95
CA SER B 208 10.63 8.75 -34.22
C SER B 208 9.62 9.58 -34.97
N PHE B 209 9.81 10.89 -34.94
CA PHE B 209 9.01 11.80 -35.73
C PHE B 209 9.89 12.96 -36.16
N ASN B 210 9.50 13.61 -37.24
CA ASN B 210 10.13 14.85 -37.66
C ASN B 210 9.34 16.03 -37.12
N ARG B 211 10.01 16.95 -36.45
CA ARG B 211 9.35 18.12 -35.89
C ARG B 211 8.54 18.88 -36.95
N GLY B 212 7.30 19.20 -36.61
CA GLY B 212 6.44 19.98 -37.49
C GLY B 212 5.67 19.17 -38.52
N GLU B 213 5.96 17.88 -38.62
CA GLU B 213 5.29 17.01 -39.60
C GLU B 213 3.99 16.44 -39.05
N CYS B 214 2.96 16.39 -39.89
CA CYS B 214 1.68 15.79 -39.53
C CYS B 214 1.58 14.36 -40.05
N ASN C 49 4.49 -3.34 43.64
CA ASN C 49 4.22 -4.62 44.30
C ASN C 49 3.21 -4.44 45.43
N GLU C 50 3.26 -3.29 46.09
CA GLU C 50 2.37 -3.01 47.22
C GLU C 50 0.95 -2.70 46.78
N ALA C 51 0.80 -1.71 45.90
CA ALA C 51 -0.52 -1.22 45.51
C ALA C 51 -1.29 -2.20 44.64
N TRP C 52 -0.63 -2.83 43.68
CA TRP C 52 -1.33 -3.65 42.70
C TRP C 52 -1.63 -5.06 43.22
N ASN C 53 -0.89 -5.51 44.22
CA ASN C 53 -1.21 -6.78 44.89
C ASN C 53 -2.49 -6.63 45.69
N GLY C 54 -2.83 -5.39 46.03
CA GLY C 54 -4.08 -5.08 46.70
C GLY C 54 -5.23 -5.11 45.72
N PHE C 55 -4.96 -4.66 44.49
CA PHE C 55 -5.97 -4.68 43.43
C PHE C 55 -6.36 -6.10 43.09
N VAL C 56 -5.37 -6.99 43.08
CA VAL C 56 -5.61 -8.41 42.83
C VAL C 56 -6.62 -8.95 43.83
N ALA C 57 -6.33 -8.75 45.12
CA ALA C 57 -7.21 -9.19 46.18
C ALA C 57 -8.55 -8.46 46.12
N ALA C 58 -8.49 -7.14 45.97
CA ALA C 58 -9.69 -6.32 45.93
C ALA C 58 -10.63 -6.74 44.80
N ALA C 59 -10.08 -7.00 43.62
CA ALA C 59 -10.88 -7.30 42.44
C ALA C 59 -11.14 -8.80 42.28
N GLU C 60 -10.58 -9.59 43.18
CA GLU C 60 -10.71 -11.05 43.13
C GLU C 60 -10.12 -11.63 41.84
N LEU C 61 -8.96 -11.11 41.46
CA LEU C 61 -8.22 -11.68 40.33
C LEU C 61 -7.65 -13.03 40.76
N PRO C 62 -8.06 -14.12 40.10
CA PRO C 62 -7.65 -15.48 40.45
C PRO C 62 -6.18 -15.72 40.10
N ARG C 63 -5.34 -14.79 40.56
CA ARG C 63 -3.91 -14.77 40.25
C ARG C 63 -3.18 -15.97 40.87
N ASN C 64 -3.43 -16.23 42.15
CA ASN C 64 -2.80 -17.37 42.82
C ASN C 64 -3.30 -18.69 42.24
N GLU C 65 -4.55 -18.72 41.82
CA GLU C 65 -5.12 -19.89 41.16
C GLU C 65 -4.39 -20.22 39.84
N ALA C 66 -4.11 -19.20 39.04
CA ALA C 66 -3.36 -19.41 37.80
C ALA C 66 -1.98 -19.99 38.10
N ASP C 67 -1.30 -19.39 39.07
CA ASP C 67 0.01 -19.86 39.50
C ASP C 67 -0.05 -21.31 39.98
N GLU C 68 -1.10 -21.63 40.73
CA GLU C 68 -1.26 -22.99 41.26
C GLU C 68 -1.58 -23.98 40.15
N LEU C 69 -2.23 -23.51 39.09
CA LEU C 69 -2.50 -24.36 37.93
C LEU C 69 -1.20 -24.74 37.25
N ARG C 70 -0.27 -23.80 37.18
CA ARG C 70 1.05 -24.09 36.63
C ARG C 70 1.75 -25.13 37.49
N LYS C 71 1.73 -24.91 38.80
CA LYS C 71 2.38 -25.81 39.75
C LYS C 71 1.81 -27.23 39.65
N ALA C 72 0.53 -27.34 39.35
CA ALA C 72 -0.12 -28.64 39.17
C ALA C 72 0.36 -29.31 37.88
N LEU C 73 0.67 -28.52 36.86
CA LEU C 73 1.25 -29.05 35.65
C LEU C 73 2.68 -29.51 35.93
N ASP C 74 3.45 -28.69 36.64
CA ASP C 74 4.77 -29.07 37.11
C ASP C 74 4.72 -30.38 37.90
N ASN C 75 3.75 -30.51 38.80
CA ASN C 75 3.62 -31.70 39.63
C ASN C 75 3.26 -32.93 38.80
N LEU C 76 2.34 -32.77 37.86
CA LEU C 76 1.91 -33.87 37.01
C LEU C 76 3.10 -34.47 36.26
N ALA C 77 4.01 -33.61 35.82
CA ALA C 77 5.22 -34.04 35.14
C ALA C 77 6.12 -34.85 36.05
N ARG C 78 6.39 -34.30 37.24
CA ARG C 78 7.26 -34.94 38.21
C ARG C 78 6.76 -36.33 38.61
N GLN C 79 5.46 -36.43 38.89
CA GLN C 79 4.88 -37.70 39.30
C GLN C 79 4.87 -38.69 38.17
N MET C 80 4.73 -38.19 36.96
CA MET C 80 4.61 -39.05 35.81
C MET C 80 5.96 -39.69 35.42
N ILE C 81 7.03 -38.92 35.56
CA ILE C 81 8.36 -39.41 35.19
C ILE C 81 8.82 -40.51 36.15
N MET C 82 8.54 -40.33 37.43
CA MET C 82 8.98 -41.27 38.46
C MET C 82 8.24 -42.60 38.33
N LYS C 83 6.99 -42.56 37.90
CA LYS C 83 6.18 -43.76 37.76
C LYS C 83 6.54 -44.58 36.53
N ASP C 84 6.94 -43.90 35.47
CA ASP C 84 6.98 -44.48 34.14
C ASP C 84 8.22 -45.35 33.85
N LYS C 85 9.39 -44.93 34.38
CA LYS C 85 10.67 -45.62 34.20
C LYS C 85 11.45 -45.01 33.04
N ASN C 86 10.72 -44.32 32.16
CA ASN C 86 11.23 -43.28 31.25
C ASN C 86 10.56 -43.31 29.88
N TRP C 87 10.37 -42.10 29.36
CA TRP C 87 9.19 -41.73 28.60
C TRP C 87 9.48 -41.18 27.22
N HIS C 88 10.72 -40.70 27.06
CA HIS C 88 11.19 -40.13 25.79
C HIS C 88 10.67 -40.94 24.61
N ASP C 89 10.67 -42.26 24.78
CA ASP C 89 9.99 -43.16 23.87
C ASP C 89 8.89 -43.90 24.65
N LYS C 90 7.63 -43.60 24.35
CA LYS C 90 7.30 -42.64 23.31
C LYS C 90 6.82 -41.32 23.92
N GLY C 91 7.41 -40.21 23.47
CA GLY C 91 7.00 -38.90 23.93
C GLY C 91 5.62 -38.56 23.41
N GLN C 92 5.32 -38.98 22.18
CA GLN C 92 4.06 -38.66 21.54
C GLN C 92 2.89 -39.38 22.20
N GLN C 93 3.14 -40.56 22.75
CA GLN C 93 2.10 -41.32 23.43
C GLN C 93 1.66 -40.61 24.71
N TYR C 94 2.61 -39.98 25.39
CA TYR C 94 2.29 -39.20 26.57
C TYR C 94 1.60 -37.89 26.18
N ARG C 95 1.96 -37.34 25.01
CA ARG C 95 1.31 -36.16 24.48
C ARG C 95 -0.14 -36.44 24.09
N ASN C 96 -0.39 -37.65 23.58
CA ASN C 96 -1.75 -38.09 23.26
C ASN C 96 -2.57 -38.32 24.53
N TRP C 97 -1.93 -38.90 25.55
CA TRP C 97 -2.58 -39.20 26.81
C TRP C 97 -3.11 -37.93 27.47
N PHE C 98 -2.28 -36.89 27.49
CA PHE C 98 -2.64 -35.64 28.14
C PHE C 98 -3.78 -34.93 27.40
N LEU C 99 -3.60 -34.75 26.08
CA LEU C 99 -4.61 -34.12 25.25
C LEU C 99 -5.96 -34.81 25.36
N LYS C 100 -5.93 -36.12 25.55
CA LYS C 100 -7.16 -36.89 25.72
C LYS C 100 -7.84 -36.52 27.04
N GLU C 101 -7.02 -36.29 28.07
CA GLU C 101 -7.55 -35.93 29.40
C GLU C 101 -7.92 -34.45 29.47
N PHE C 102 -7.12 -33.62 28.80
CA PHE C 102 -7.35 -32.18 28.79
C PHE C 102 -7.27 -31.65 27.37
N PRO C 103 -8.31 -31.91 26.57
CA PRO C 103 -8.33 -31.58 25.13
C PRO C 103 -8.31 -30.09 24.86
N ARG C 104 -8.85 -29.27 25.76
CA ARG C 104 -9.00 -27.85 25.47
C ARG C 104 -8.32 -26.94 26.50
N LEU C 105 -7.52 -27.51 27.40
CA LEU C 105 -6.85 -26.72 28.43
C LEU C 105 -5.94 -25.66 27.82
N LYS C 106 -5.06 -26.08 26.92
CA LYS C 106 -4.15 -25.14 26.28
C LYS C 106 -4.91 -24.08 25.49
N SER C 107 -5.90 -24.52 24.71
CA SER C 107 -6.73 -23.61 23.93
C SER C 107 -7.36 -22.54 24.80
N GLU C 108 -7.93 -22.95 25.92
CA GLU C 108 -8.70 -22.04 26.75
C GLU C 108 -7.80 -21.09 27.54
N LEU C 109 -6.58 -21.53 27.87
CA LEU C 109 -5.61 -20.65 28.50
C LEU C 109 -5.19 -19.54 27.53
N GLU C 110 -5.03 -19.89 26.26
CA GLU C 110 -4.71 -18.89 25.25
C GLU C 110 -5.86 -17.91 25.09
N ASP C 111 -7.08 -18.44 25.05
CA ASP C 111 -8.27 -17.60 24.96
C ASP C 111 -8.28 -16.54 26.06
N ASN C 112 -8.13 -16.98 27.29
CA ASN C 112 -8.20 -16.06 28.42
C ASN C 112 -7.04 -15.09 28.50
N ILE C 113 -5.85 -15.55 28.12
CA ILE C 113 -4.70 -14.66 28.01
C ILE C 113 -4.98 -13.52 27.03
N ARG C 114 -5.47 -13.85 25.84
CA ARG C 114 -5.77 -12.84 24.82
C ARG C 114 -6.83 -11.88 25.36
N ARG C 115 -7.83 -12.43 26.06
CA ARG C 115 -8.93 -11.61 26.54
C ARG C 115 -8.49 -10.71 27.69
N LEU C 116 -7.51 -11.16 28.46
CA LEU C 116 -6.99 -10.38 29.58
C LEU C 116 -6.11 -9.24 29.08
N ARG C 117 -5.34 -9.50 28.03
CA ARG C 117 -4.54 -8.45 27.39
C ARG C 117 -5.43 -7.40 26.77
N ALA C 118 -6.52 -7.86 26.14
CA ALA C 118 -7.48 -6.96 25.50
C ALA C 118 -8.19 -6.11 26.54
N LEU C 119 -8.61 -6.74 27.64
CA LEU C 119 -9.28 -6.02 28.72
C LEU C 119 -8.34 -4.96 29.30
N ALA C 120 -7.10 -5.37 29.57
CA ALA C 120 -6.11 -4.46 30.15
C ALA C 120 -5.82 -3.25 29.25
N ASP C 121 -5.95 -3.42 27.94
CA ASP C 121 -5.76 -2.31 27.02
C ASP C 121 -7.02 -1.44 26.92
N GLY C 122 -8.14 -1.98 27.39
CA GLY C 122 -9.39 -1.25 27.34
C GLY C 122 -10.03 -1.26 25.96
N VAL C 123 -9.82 -2.35 25.24
CA VAL C 123 -10.35 -2.49 23.88
C VAL C 123 -11.85 -2.72 23.89
N GLN C 124 -12.55 -2.09 22.94
CA GLN C 124 -14.01 -2.22 22.87
C GLN C 124 -14.43 -3.53 22.21
N LYS C 125 -15.25 -4.30 22.93
CA LYS C 125 -15.70 -5.60 22.43
C LYS C 125 -17.08 -5.52 21.77
N VAL C 126 -17.25 -6.28 20.70
CA VAL C 126 -18.56 -6.47 20.10
C VAL C 126 -18.81 -7.96 19.96
N HIS C 127 -20.08 -8.35 19.86
CA HIS C 127 -20.39 -9.74 19.54
C HIS C 127 -20.63 -9.82 18.04
N LYS C 128 -20.32 -10.99 17.47
CA LYS C 128 -20.48 -11.24 16.04
C LYS C 128 -19.88 -10.13 15.17
#